data_4GV2
#
_entry.id   4GV2
#
_cell.length_a   55.188
_cell.length_b   56.784
_cell.length_c   56.618
_cell.angle_alpha   90.00
_cell.angle_beta   112.66
_cell.angle_gamma   90.00
#
_symmetry.space_group_name_H-M   'P 1 21 1'
#
loop_
_entity.id
_entity.type
_entity.pdbx_description
1 polymer 'Poly [ADP-ribose] polymerase 3'
2 non-polymer 3-(4-oxo-3,4-dihydroquinazolin-2-yl)-N-[(1R)-1-(pyridin-2-yl)ethyl]propanamide
3 non-polymer 'DIMETHYL SULFOXIDE'
4 water water
#
_entity_poly.entity_id   1
_entity_poly.type   'polypeptide(L)'
_entity_poly.pdbx_seq_one_letter_code
;SMKRVQPCSLDPATQKLITNIFSKEMFKNTMALMDLDVKKMPLGKLSKQQIARGFEALEALEEALKGPTDGGQSLEELSS
HFYTVIPHNFGHSQPPPINSPELLQAKKDMLLVLADIELAQALQAVSEQEKTVEEVPHPLDRDYQLLKCQLQLLDSGAPE
YKVIQTYLEQTGSNHRCPTLQHIWKVNQEGEEDRFQAHSKLGNRKLLWHGTNMAVVAAILTSGLRIMPHSGGRVGKGIYF
ASENSKSAGYVIGMKCGAHHVGYMFLGEVALGREHHINTDNPSLKSPPPGFDSVIARGHTEPDPTQDTELELDGQQVVVP
QGQPVPCPEFSSSTFSQSEYLIYQESQCRLRYLLEVH
;
_entity_poly.pdbx_strand_id   A
#
# COMPACT_ATOMS: atom_id res chain seq x y z
N SER A 1 -32.88 1.25 -25.88
CA SER A 1 -33.64 0.36 -24.95
C SER A 1 -32.93 0.25 -23.62
N MET A 2 -33.69 0.09 -22.55
CA MET A 2 -33.08 0.15 -21.24
C MET A 2 -32.42 -1.16 -20.79
N LYS A 3 -31.19 -1.07 -20.28
CA LYS A 3 -30.45 -2.25 -19.94
C LYS A 3 -30.92 -2.75 -18.58
N ARG A 4 -30.98 -4.06 -18.42
CA ARG A 4 -31.20 -4.68 -17.10
C ARG A 4 -29.94 -4.58 -16.29
N VAL A 5 -30.12 -4.18 -15.01
CA VAL A 5 -29.05 -4.20 -14.00
C VAL A 5 -29.25 -5.48 -13.21
N GLN A 6 -28.28 -6.39 -13.28
CA GLN A 6 -28.43 -7.70 -12.64
C GLN A 6 -28.24 -7.56 -11.13
N PRO A 7 -28.89 -8.42 -10.32
CA PRO A 7 -28.72 -8.35 -8.85
C PRO A 7 -27.26 -8.53 -8.42
N CYS A 8 -26.87 -7.87 -7.35
CA CYS A 8 -25.49 -7.95 -6.85
C CYS A 8 -25.23 -9.33 -6.23
N SER A 9 -24.09 -9.93 -6.57
CA SER A 9 -23.71 -11.24 -6.03
C SER A 9 -22.95 -11.16 -4.70
N LEU A 10 -22.51 -9.97 -4.33
CA LEU A 10 -21.58 -9.81 -3.20
C LEU A 10 -22.25 -9.74 -1.83
N ASP A 11 -21.58 -10.31 -0.83
CA ASP A 11 -22.05 -10.21 0.54
C ASP A 11 -21.90 -8.74 1.01
N PRO A 12 -22.60 -8.35 2.08
CA PRO A 12 -22.66 -6.97 2.57
C PRO A 12 -21.28 -6.38 2.84
N ALA A 13 -20.40 -7.18 3.46
CA ALA A 13 -19.07 -6.64 3.84
C ALA A 13 -18.29 -6.34 2.61
N THR A 14 -18.34 -7.26 1.65
CA THR A 14 -17.61 -7.05 0.41
C THR A 14 -18.19 -5.88 -0.41
N GLN A 15 -19.52 -5.72 -0.39
CA GLN A 15 -20.13 -4.57 -1.06
C GLN A 15 -19.61 -3.24 -0.47
N LYS A 16 -19.51 -3.18 0.86
CA LYS A 16 -19.00 -1.97 1.51
C LYS A 16 -17.55 -1.71 1.15
N LEU A 17 -16.74 -2.77 1.09
CA LEU A 17 -15.32 -2.64 0.68
C LEU A 17 -15.19 -2.04 -0.69
N ILE A 18 -15.89 -2.65 -1.65
CA ILE A 18 -15.85 -2.23 -3.03
C ILE A 18 -16.39 -0.79 -3.15
N THR A 19 -17.45 -0.46 -2.42
CA THR A 19 -17.92 0.93 -2.37
C THR A 19 -16.81 1.87 -1.91
N ASN A 20 -16.13 1.51 -0.81
CA ASN A 20 -15.14 2.39 -0.17
C ASN A 20 -13.89 2.62 -1.04
N ILE A 21 -13.39 1.57 -1.70
CA ILE A 21 -12.12 1.64 -2.39
C ILE A 21 -12.22 2.29 -3.76
N PHE A 22 -13.45 2.46 -4.28
CA PHE A 22 -13.68 3.19 -5.50
C PHE A 22 -14.48 4.47 -5.29
N SER A 23 -14.65 4.86 -4.04
CA SER A 23 -15.46 6.02 -3.70
C SER A 23 -14.84 7.31 -4.18
N LYS A 24 -15.62 8.10 -4.93
CA LYS A 24 -15.12 9.39 -5.40
C LYS A 24 -14.91 10.34 -4.24
N GLU A 25 -15.75 10.24 -3.21
CA GLU A 25 -15.54 11.06 -2.01
C GLU A 25 -14.19 10.73 -1.35
N MET A 26 -13.92 9.43 -1.23
CA MET A 26 -12.66 8.94 -0.66
C MET A 26 -11.47 9.47 -1.42
N PHE A 27 -11.53 9.34 -2.73
CA PHE A 27 -10.44 9.84 -3.56
C PHE A 27 -10.21 11.35 -3.43
N LYS A 28 -11.30 12.11 -3.47
CA LYS A 28 -11.18 13.57 -3.31
C LYS A 28 -10.69 13.95 -1.92
N ASN A 29 -11.15 13.21 -0.89
CA ASN A 29 -10.68 13.42 0.50
C ASN A 29 -9.17 13.24 0.56
N THR A 30 -8.71 12.16 -0.04
CA THR A 30 -7.30 11.83 -0.10
C THR A 30 -6.51 12.97 -0.78
N MET A 31 -7.02 13.47 -1.92
CA MET A 31 -6.40 14.60 -2.59
C MET A 31 -6.35 15.86 -1.70
N ALA A 32 -7.41 16.11 -0.95
CA ALA A 32 -7.41 17.25 0.00
C ALA A 32 -6.41 17.07 1.12
N LEU A 33 -6.26 15.84 1.63
CA LEU A 33 -5.32 15.54 2.64
C LEU A 33 -3.90 15.71 2.14
N MET A 34 -3.67 15.59 0.85
CA MET A 34 -2.37 15.81 0.25
C MET A 34 -2.16 17.22 -0.30
N ASP A 35 -3.06 18.14 0.08
CA ASP A 35 -2.97 19.53 -0.32
C ASP A 35 -3.19 19.81 -1.79
N LEU A 36 -3.85 18.90 -2.51
CA LEU A 36 -4.12 19.13 -3.93
C LEU A 36 -5.40 19.93 -4.14
N ASP A 37 -5.44 20.66 -5.23
CA ASP A 37 -6.60 21.49 -5.53
C ASP A 37 -7.57 20.66 -6.39
N VAL A 38 -8.57 20.09 -5.74
CA VAL A 38 -9.50 19.20 -6.45
C VAL A 38 -10.38 19.94 -7.46
N LYS A 39 -10.57 21.24 -7.26
CA LYS A 39 -11.38 22.05 -8.20
C LYS A 39 -10.65 22.19 -9.51
N LYS A 40 -9.34 22.33 -9.44
CA LYS A 40 -8.50 22.45 -10.61
C LYS A 40 -8.04 21.12 -11.19
N MET A 41 -8.12 20.08 -10.37
CA MET A 41 -7.67 18.74 -10.78
C MET A 41 -8.73 17.73 -10.38
N PRO A 42 -9.91 17.77 -11.08
CA PRO A 42 -10.95 16.81 -10.75
C PRO A 42 -10.58 15.39 -11.14
N LEU A 43 -11.23 14.42 -10.52
CA LEU A 43 -10.88 13.01 -10.73
C LEU A 43 -10.92 12.58 -12.18
N GLY A 44 -11.96 13.03 -12.88
CA GLY A 44 -12.10 12.69 -14.27
C GLY A 44 -11.07 13.33 -15.14
N LYS A 45 -10.38 14.36 -14.66
CA LYS A 45 -9.42 15.10 -15.49
C LYS A 45 -7.98 14.63 -15.27
N LEU A 46 -7.74 13.95 -14.18
CA LEU A 46 -6.43 13.35 -13.89
C LEU A 46 -5.99 12.50 -15.06
N SER A 47 -4.75 12.66 -15.51
CA SER A 47 -4.23 11.86 -16.62
C SER A 47 -2.83 11.33 -16.36
N LYS A 48 -2.45 10.29 -17.08
CA LYS A 48 -1.10 9.77 -16.98
C LYS A 48 -0.04 10.81 -17.43
N GLN A 49 -0.37 11.59 -18.47
CA GLN A 49 0.53 12.58 -18.98
C GLN A 49 0.81 13.64 -17.89
N GLN A 50 -0.21 14.05 -17.15
CA GLN A 50 -0.04 15.09 -16.11
C GLN A 50 0.89 14.58 -15.00
N ILE A 51 0.60 13.37 -14.55
CA ILE A 51 1.38 12.72 -13.50
C ILE A 51 2.82 12.58 -13.96
N ALA A 52 3.03 12.19 -15.22
CA ALA A 52 4.38 12.04 -15.79
C ALA A 52 5.12 13.39 -15.81
N ARG A 53 4.41 14.44 -16.21
CA ARG A 53 4.98 15.79 -16.18
C ARG A 53 5.32 16.27 -14.76
N GLY A 54 4.53 15.83 -13.79
CA GLY A 54 4.78 16.12 -12.38
C GLY A 54 6.06 15.44 -11.93
N PHE A 55 6.26 14.19 -12.33
CA PHE A 55 7.50 13.50 -11.96
C PHE A 55 8.68 14.17 -12.66
N GLU A 56 8.54 14.57 -13.93
CA GLU A 56 9.65 15.31 -14.62
C GLU A 56 10.03 16.59 -13.89
N ALA A 57 9.04 17.31 -13.40
CA ALA A 57 9.30 18.51 -12.61
C ALA A 57 10.02 18.19 -11.29
N LEU A 58 9.66 17.08 -10.61
CA LEU A 58 10.38 16.72 -9.40
C LEU A 58 11.82 16.23 -9.68
N GLU A 59 12.00 15.55 -10.81
CA GLU A 59 13.33 15.12 -11.25
C GLU A 59 14.27 16.33 -11.46
N ALA A 60 13.74 17.39 -12.05
CA ALA A 60 14.50 18.65 -12.20
C ALA A 60 14.82 19.28 -10.84
N LEU A 61 13.88 19.26 -9.89
CA LEU A 61 14.13 19.72 -8.53
C LEU A 61 15.22 18.89 -7.84
N GLU A 62 15.20 17.57 -8.03
CA GLU A 62 16.16 16.70 -7.37
C GLU A 62 17.56 16.99 -7.90
N GLU A 63 17.67 17.17 -9.20
CA GLU A 63 18.96 17.48 -9.80
C GLU A 63 19.45 18.81 -9.22
N ALA A 64 18.55 19.79 -9.14
CA ALA A 64 18.90 21.11 -8.58
C ALA A 64 19.33 21.03 -7.13
N LEU A 65 18.62 20.22 -6.33
CA LEU A 65 18.98 19.99 -4.94
C LEU A 65 20.38 19.35 -4.75
N LYS A 66 20.80 18.50 -5.68
CA LYS A 66 22.15 17.92 -5.66
C LYS A 66 23.15 18.79 -6.43
N ASP A 70 24.98 26.14 -10.33
CA ASP A 70 25.51 26.09 -11.70
C ASP A 70 24.76 27.00 -12.69
N GLY A 71 24.03 27.98 -12.18
CA GLY A 71 23.31 28.92 -13.02
C GLY A 71 22.01 28.38 -13.58
N GLY A 72 21.58 27.20 -13.11
CA GLY A 72 20.27 26.69 -13.47
C GLY A 72 19.14 27.45 -12.80
N GLN A 73 17.92 27.02 -13.07
CA GLN A 73 16.72 27.64 -12.48
C GLN A 73 16.75 27.53 -10.93
N SER A 74 16.19 28.52 -10.23
CA SER A 74 16.11 28.50 -8.75
C SER A 74 15.20 27.38 -8.28
N LEU A 75 15.33 26.96 -7.02
CA LEU A 75 14.41 25.98 -6.45
C LEU A 75 12.99 26.55 -6.48
N GLU A 76 12.88 27.87 -6.30
CA GLU A 76 11.59 28.55 -6.38
C GLU A 76 10.98 28.47 -7.78
N GLU A 77 11.80 28.68 -8.80
CA GLU A 77 11.32 28.66 -10.16
C GLU A 77 10.86 27.24 -10.51
N LEU A 78 11.66 26.27 -10.11
CA LEU A 78 11.41 24.88 -10.43
C LEU A 78 10.21 24.39 -9.65
N SER A 79 10.09 24.85 -8.41
CA SER A 79 8.89 24.59 -7.59
C SER A 79 7.64 25.15 -8.25
N SER A 80 7.70 26.39 -8.72
CA SER A 80 6.58 27.01 -9.38
C SER A 80 6.11 26.24 -10.59
N HIS A 81 7.05 25.70 -11.38
CA HIS A 81 6.61 24.88 -12.49
C HIS A 81 5.88 23.60 -12.01
N PHE A 82 6.43 22.95 -10.98
CA PHE A 82 5.79 21.74 -10.42
C PHE A 82 4.34 22.05 -10.02
N TYR A 83 4.15 23.18 -9.37
CA TYR A 83 2.82 23.57 -8.88
C TYR A 83 1.86 24.02 -9.99
N THR A 84 2.38 24.35 -11.17
CA THR A 84 1.53 24.61 -12.31
C THR A 84 1.02 23.31 -12.88
N VAL A 85 1.90 22.32 -12.93
CA VAL A 85 1.59 21.01 -13.45
C VAL A 85 0.61 20.26 -12.56
N ILE A 86 0.84 20.33 -11.24
CA ILE A 86 0.04 19.64 -10.24
C ILE A 86 -0.52 20.68 -9.26
N PRO A 87 -1.72 21.22 -9.53
CA PRO A 87 -2.34 22.26 -8.72
C PRO A 87 -2.52 21.88 -7.27
N HIS A 88 -2.02 22.74 -6.37
CA HIS A 88 -2.13 22.58 -4.93
C HIS A 88 -3.00 23.69 -4.37
N ASN A 89 -3.57 23.41 -3.22
CA ASN A 89 -4.41 24.34 -2.49
C ASN A 89 -3.84 24.52 -1.10
N PHE A 90 -3.50 25.75 -0.77
CA PHE A 90 -3.10 26.11 0.57
C PHE A 90 -3.88 27.37 0.98
N GLY A 91 -5.20 27.21 1.10
CA GLY A 91 -6.13 28.33 1.25
C GLY A 91 -5.82 29.53 0.35
N HIS A 92 -5.50 29.26 -0.92
CA HIS A 92 -5.23 30.35 -1.87
C HIS A 92 -4.08 31.33 -1.46
N SER A 93 -3.15 30.85 -0.61
CA SER A 93 -1.83 31.46 -0.45
C SER A 93 -0.88 30.70 -1.35
N GLN A 94 0.32 31.24 -1.55
CA GLN A 94 1.31 30.57 -2.41
C GLN A 94 1.69 29.21 -1.82
N PRO A 95 1.87 28.18 -2.68
CA PRO A 95 2.42 26.91 -2.15
C PRO A 95 3.90 27.10 -1.85
N PRO A 96 4.51 26.26 -0.97
CA PRO A 96 5.89 26.48 -0.53
C PRO A 96 6.95 25.81 -1.43
N PRO A 97 8.22 26.26 -1.35
CA PRO A 97 9.24 25.73 -2.26
C PRO A 97 9.78 24.39 -1.81
N ILE A 98 10.07 23.54 -2.78
CA ILE A 98 10.46 22.17 -2.52
C ILE A 98 11.99 22.14 -2.41
N ASN A 99 12.48 22.39 -1.20
CA ASN A 99 13.88 22.75 -1.00
C ASN A 99 14.63 21.90 0.03
N SER A 100 14.14 20.69 0.26
CA SER A 100 14.79 19.72 1.13
C SER A 100 14.53 18.34 0.56
N PRO A 101 15.42 17.39 0.86
CA PRO A 101 15.19 16.01 0.47
C PRO A 101 13.85 15.47 1.01
N GLU A 102 13.51 15.86 2.24
CA GLU A 102 12.32 15.35 2.90
C GLU A 102 11.05 15.75 2.15
N LEU A 103 10.99 17.01 1.78
CA LEU A 103 9.86 17.55 1.04
C LEU A 103 9.81 17.00 -0.41
N LEU A 104 10.98 16.78 -1.00
CA LEU A 104 11.04 16.18 -2.34
C LEU A 104 10.41 14.81 -2.30
N GLN A 105 10.84 13.97 -1.35
CA GLN A 105 10.32 12.61 -1.28
C GLN A 105 8.81 12.64 -0.97
N ALA A 106 8.39 13.60 -0.16
CA ALA A 106 6.96 13.75 0.20
C ALA A 106 6.10 14.06 -1.04
N LYS A 107 6.58 14.95 -1.90
CA LYS A 107 5.97 15.18 -3.20
C LYS A 107 6.02 13.94 -4.13
N LYS A 108 7.13 13.21 -4.17
CA LYS A 108 7.16 11.93 -4.92
C LYS A 108 6.10 10.94 -4.41
N ASP A 109 6.02 10.80 -3.09
CA ASP A 109 5.04 9.90 -2.48
C ASP A 109 3.57 10.34 -2.77
N MET A 110 3.31 11.64 -2.71
CA MET A 110 2.03 12.19 -3.14
C MET A 110 1.68 11.81 -4.57
N LEU A 111 2.63 11.96 -5.50
CA LEU A 111 2.37 11.63 -6.88
C LEU A 111 2.20 10.14 -7.10
N LEU A 112 2.87 9.33 -6.29
CA LEU A 112 2.67 7.86 -6.38
C LEU A 112 1.24 7.47 -5.95
N VAL A 113 0.74 8.13 -4.92
CA VAL A 113 -0.63 7.92 -4.50
C VAL A 113 -1.57 8.44 -5.60
N LEU A 114 -1.31 9.64 -6.13
CA LEU A 114 -2.14 10.20 -7.18
C LEU A 114 -2.18 9.30 -8.45
N ALA A 115 -1.05 8.68 -8.80
CA ALA A 115 -0.96 7.72 -9.89
C ALA A 115 -1.87 6.51 -9.68
N ASP A 116 -1.98 6.05 -8.43
CA ASP A 116 -2.90 4.97 -8.12
C ASP A 116 -4.36 5.39 -8.12
N ILE A 117 -4.63 6.66 -7.78
CA ILE A 117 -5.99 7.18 -7.92
C ILE A 117 -6.36 7.18 -9.42
N GLU A 118 -5.45 7.67 -10.25
CA GLU A 118 -5.66 7.73 -11.69
C GLU A 118 -5.83 6.32 -12.26
N LEU A 119 -5.08 5.35 -11.74
CA LEU A 119 -5.25 3.93 -12.14
C LEU A 119 -6.70 3.46 -11.89
N ALA A 120 -7.22 3.71 -10.69
CA ALA A 120 -8.59 3.33 -10.37
C ALA A 120 -9.60 4.01 -11.30
N GLN A 121 -9.36 5.27 -11.65
CA GLN A 121 -10.28 5.95 -12.59
C GLN A 121 -10.23 5.32 -13.97
N ALA A 122 -9.02 5.06 -14.45
CA ALA A 122 -8.81 4.42 -15.77
C ALA A 122 -9.41 3.02 -15.81
N LEU A 123 -9.31 2.30 -14.71
CA LEU A 123 -9.94 0.99 -14.61
C LEU A 123 -11.46 1.04 -14.81
N GLN A 124 -12.07 2.08 -14.28
CA GLN A 124 -13.54 2.21 -14.33
C GLN A 124 -14.09 2.70 -15.68
N ALA A 125 -13.22 3.08 -16.61
CA ALA A 125 -13.67 3.51 -17.94
C ALA A 125 -14.56 2.42 -18.56
N VAL A 126 -15.69 2.83 -19.15
CA VAL A 126 -16.65 1.90 -19.78
C VAL A 126 -16.13 1.34 -21.11
N SER A 127 -16.09 0.01 -21.23
CA SER A 127 -15.58 -0.61 -22.44
C SER A 127 -16.67 -0.57 -23.50
N GLU A 128 -16.30 -0.95 -24.71
CA GLU A 128 -17.22 -0.94 -25.84
C GLU A 128 -18.24 -2.08 -25.76
N GLN A 129 -17.77 -3.27 -25.39
CA GLN A 129 -18.65 -4.41 -25.10
C GLN A 129 -19.76 -3.98 -24.12
N GLU A 130 -19.37 -3.27 -23.07
CA GLU A 130 -20.31 -2.87 -22.04
C GLU A 130 -21.41 -1.95 -22.58
N LYS A 131 -21.11 -1.15 -23.61
CA LYS A 131 -22.14 -0.27 -24.21
C LYS A 131 -23.12 -1.06 -25.09
N THR A 132 -22.67 -2.18 -25.66
CA THR A 132 -23.50 -3.02 -26.52
C THR A 132 -24.34 -4.10 -25.75
N VAL A 133 -23.81 -4.72 -24.68
CA VAL A 133 -24.57 -5.79 -23.96
C VAL A 133 -25.91 -5.23 -23.47
N GLU A 134 -26.92 -6.07 -23.41
CA GLU A 134 -28.26 -5.61 -23.02
C GLU A 134 -28.54 -5.76 -21.53
N GLU A 135 -27.64 -6.42 -20.82
CA GLU A 135 -27.72 -6.50 -19.37
C GLU A 135 -26.34 -6.17 -18.84
N VAL A 136 -26.29 -5.47 -17.70
CA VAL A 136 -25.04 -5.13 -17.08
C VAL A 136 -25.04 -5.67 -15.64
N PRO A 137 -23.84 -5.92 -15.10
CA PRO A 137 -23.78 -6.33 -13.70
C PRO A 137 -24.14 -5.14 -12.82
N HIS A 138 -24.61 -5.45 -11.63
CA HIS A 138 -24.68 -4.44 -10.58
C HIS A 138 -23.32 -3.71 -10.52
N PRO A 139 -23.37 -2.39 -10.31
CA PRO A 139 -22.13 -1.61 -10.30
C PRO A 139 -21.08 -2.10 -9.35
N LEU A 140 -21.47 -2.70 -8.22
CA LEU A 140 -20.41 -3.20 -7.30
C LEU A 140 -19.79 -4.50 -7.84
N ASP A 141 -20.59 -5.31 -8.51
CA ASP A 141 -20.02 -6.50 -9.22
C ASP A 141 -19.09 -6.09 -10.34
N ARG A 142 -19.45 -5.02 -11.07
CA ARG A 142 -18.62 -4.56 -12.14
C ARG A 142 -17.26 -4.11 -11.53
N ASP A 143 -17.34 -3.33 -10.48
CA ASP A 143 -16.13 -2.80 -9.86
C ASP A 143 -15.27 -3.96 -9.30
N TYR A 144 -15.87 -4.92 -8.59
CA TYR A 144 -15.13 -6.09 -8.11
C TYR A 144 -14.44 -6.83 -9.29
N GLN A 145 -15.19 -7.04 -10.36
CA GLN A 145 -14.65 -7.72 -11.56
C GLN A 145 -13.47 -7.04 -12.20
N LEU A 146 -13.46 -5.72 -12.19
CA LEU A 146 -12.37 -4.95 -12.76
C LEU A 146 -11.04 -5.21 -12.05
N LEU A 147 -11.07 -5.55 -10.77
CA LEU A 147 -9.87 -5.83 -10.01
C LEU A 147 -9.15 -7.08 -10.50
N LYS A 148 -9.89 -7.98 -11.13
CA LYS A 148 -9.34 -9.30 -11.49
C LYS A 148 -8.56 -9.92 -10.32
N CYS A 149 -9.22 -9.95 -9.17
CA CYS A 149 -8.63 -10.33 -7.91
C CYS A 149 -9.72 -11.03 -7.12
N GLN A 150 -9.50 -12.28 -6.75
CA GLN A 150 -10.52 -12.97 -5.98
C GLN A 150 -10.42 -12.58 -4.51
N LEU A 151 -11.55 -12.28 -3.91
CA LEU A 151 -11.61 -11.93 -2.53
C LEU A 151 -12.60 -12.88 -1.92
N GLN A 152 -12.25 -13.51 -0.80
CA GLN A 152 -13.21 -14.38 -0.10
C GLN A 152 -13.28 -14.00 1.37
N LEU A 153 -14.44 -13.52 1.78
CA LEU A 153 -14.66 -13.10 3.17
C LEU A 153 -14.54 -14.32 4.08
N LEU A 154 -13.74 -14.21 5.11
CA LEU A 154 -13.55 -15.32 6.03
C LEU A 154 -14.53 -15.23 7.19
N ASP A 155 -14.97 -16.37 7.70
CA ASP A 155 -15.65 -16.28 9.00
C ASP A 155 -14.81 -16.79 10.13
N SER A 156 -15.34 -16.54 11.34
CA SER A 156 -14.68 -16.70 12.65
C SER A 156 -13.90 -17.96 12.79
N GLY A 157 -14.39 -19.00 12.13
CA GLY A 157 -13.81 -20.30 12.29
C GLY A 157 -13.07 -20.81 11.07
N ALA A 158 -12.72 -19.94 10.10
CA ALA A 158 -11.70 -20.27 9.09
C ALA A 158 -10.41 -20.60 9.83
N PRO A 159 -9.61 -21.55 9.32
CA PRO A 159 -8.42 -22.05 9.98
C PRO A 159 -7.40 -20.98 10.41
N GLU A 160 -7.22 -19.98 9.57
CA GLU A 160 -6.27 -18.89 9.84
C GLU A 160 -6.87 -17.69 10.63
N TYR A 161 -8.17 -17.72 10.89
CA TYR A 161 -8.81 -16.53 11.44
C TYR A 161 -8.20 -16.11 12.79
N LYS A 162 -8.15 -17.05 13.73
CA LYS A 162 -7.60 -16.77 15.09
C LYS A 162 -6.13 -16.42 15.06
N VAL A 163 -5.42 -17.06 14.17
CA VAL A 163 -4.00 -16.79 13.99
C VAL A 163 -3.84 -15.33 13.55
N ILE A 164 -4.65 -14.88 12.61
CA ILE A 164 -4.56 -13.50 12.12
C ILE A 164 -4.99 -12.49 13.22
N GLN A 165 -6.11 -12.78 13.89
CA GLN A 165 -6.56 -11.96 14.97
C GLN A 165 -5.49 -11.82 16.04
N THR A 166 -4.81 -12.92 16.34
CA THR A 166 -3.76 -12.92 17.36
C THR A 166 -2.57 -12.06 16.94
N TYR A 167 -2.18 -12.15 15.66
CA TYR A 167 -1.10 -11.30 15.11
C TYR A 167 -1.44 -9.82 15.27
N LEU A 168 -2.67 -9.48 14.92
CA LEU A 168 -3.17 -8.12 15.05
C LEU A 168 -3.16 -7.65 16.49
N GLU A 169 -3.71 -8.47 17.38
CA GLU A 169 -3.89 -8.02 18.76
C GLU A 169 -2.59 -7.93 19.51
N GLN A 170 -1.73 -8.92 19.30
CA GLN A 170 -0.50 -8.98 20.04
C GLN A 170 0.56 -7.98 19.59
N THR A 171 0.57 -7.61 18.31
CA THR A 171 1.57 -6.68 17.79
C THR A 171 1.02 -5.28 17.43
N GLY A 172 -0.29 -5.08 17.61
CA GLY A 172 -0.91 -3.80 17.46
C GLY A 172 -0.71 -2.89 18.66
N SER A 173 -1.13 -1.63 18.58
CA SER A 173 -0.87 -0.74 19.72
C SER A 173 -1.48 -1.25 21.00
N ASN A 174 -0.78 -1.07 22.12
CA ASN A 174 -1.31 -1.58 23.41
C ASN A 174 -2.53 -0.80 23.84
N HIS A 175 -2.51 0.49 23.55
CA HIS A 175 -3.67 1.34 23.77
C HIS A 175 -4.36 1.63 22.39
N ARG A 176 -5.64 1.33 22.30
CA ARG A 176 -6.40 1.56 21.09
C ARG A 176 -5.86 0.70 19.94
N CYS A 177 -5.80 -0.59 20.17
CA CYS A 177 -5.50 -1.52 19.10
C CYS A 177 -6.60 -1.39 18.02
N PRO A 178 -6.24 -1.48 16.73
CA PRO A 178 -7.34 -1.44 15.73
C PRO A 178 -8.29 -2.60 15.93
N THR A 179 -9.59 -2.35 15.75
CA THR A 179 -10.59 -3.36 16.01
C THR A 179 -10.88 -4.08 14.71
N LEU A 180 -10.69 -5.39 14.72
CA LEU A 180 -10.91 -6.18 13.54
C LEU A 180 -12.37 -6.27 13.20
N GLN A 181 -12.73 -5.92 11.98
CA GLN A 181 -14.13 -6.03 11.50
C GLN A 181 -14.26 -7.21 10.54
N HIS A 182 -13.44 -7.23 9.48
CA HIS A 182 -13.46 -8.32 8.48
C HIS A 182 -12.05 -8.71 8.00
N ILE A 183 -11.94 -9.96 7.57
CA ILE A 183 -10.74 -10.44 6.85
C ILE A 183 -11.21 -11.08 5.57
N TRP A 184 -10.57 -10.71 4.46
CA TRP A 184 -10.74 -11.39 3.19
C TRP A 184 -9.44 -12.09 2.85
N LYS A 185 -9.56 -13.31 2.33
CA LYS A 185 -8.48 -13.95 1.62
C LYS A 185 -8.36 -13.31 0.25
N VAL A 186 -7.13 -13.05 -0.17
CA VAL A 186 -6.83 -12.38 -1.42
C VAL A 186 -6.12 -13.33 -2.32
N ASN A 187 -6.67 -13.52 -3.50
CA ASN A 187 -6.03 -14.29 -4.53
C ASN A 187 -5.95 -13.54 -5.84
N GLN A 188 -4.85 -12.89 -6.01
CA GLN A 188 -4.62 -12.19 -7.20
C GLN A 188 -3.83 -13.11 -8.11
N GLU A 189 -4.49 -13.85 -8.94
CA GLU A 189 -3.76 -14.79 -9.80
C GLU A 189 -2.74 -14.14 -10.71
N GLY A 190 -1.74 -14.92 -11.05
CA GLY A 190 -0.67 -14.36 -11.85
C GLY A 190 0.07 -13.25 -11.12
N GLU A 191 -0.14 -13.18 -9.80
CA GLU A 191 0.98 -13.06 -8.86
C GLU A 191 1.58 -14.45 -8.71
N GLU A 192 0.72 -15.46 -8.88
CA GLU A 192 1.06 -16.87 -8.64
C GLU A 192 2.29 -17.37 -9.41
N ASP A 193 2.31 -17.16 -10.72
CA ASP A 193 3.41 -17.64 -11.55
C ASP A 193 4.75 -17.06 -11.07
N ARG A 194 4.82 -15.74 -10.95
CA ARG A 194 6.07 -15.08 -10.58
C ARG A 194 6.45 -15.40 -9.14
N PHE A 195 5.47 -15.56 -8.25
CA PHE A 195 5.77 -15.99 -6.86
C PHE A 195 6.33 -17.42 -6.80
N GLN A 196 5.79 -18.31 -7.61
CA GLN A 196 6.22 -19.72 -7.62
C GLN A 196 7.68 -19.83 -8.04
N ALA A 197 8.18 -18.84 -8.80
CA ALA A 197 9.62 -18.68 -9.06
C ALA A 197 10.49 -18.88 -7.81
N HIS A 198 10.07 -18.32 -6.66
CA HIS A 198 10.85 -18.35 -5.41
C HIS A 198 10.51 -19.52 -4.50
N SER A 199 9.92 -20.55 -5.10
CA SER A 199 9.45 -21.73 -4.37
C SER A 199 10.56 -22.45 -3.58
N LYS A 200 11.81 -22.33 -4.04
CA LYS A 200 12.94 -22.99 -3.37
C LYS A 200 13.36 -22.16 -2.15
N LEU A 201 13.06 -20.86 -2.23
CA LEU A 201 13.43 -19.87 -1.23
C LEU A 201 12.57 -20.13 -0.01
N GLY A 202 13.25 -20.42 1.09
CA GLY A 202 12.56 -20.64 2.31
C GLY A 202 12.47 -19.29 3.00
N ASN A 203 12.35 -19.40 4.31
CA ASN A 203 12.20 -18.27 5.17
C ASN A 203 11.08 -17.37 4.63
N ARG A 204 9.86 -17.85 4.73
CA ARG A 204 8.71 -17.05 4.35
C ARG A 204 8.08 -16.53 5.60
N LYS A 205 7.62 -15.27 5.59
CA LYS A 205 6.90 -14.73 6.71
C LYS A 205 5.69 -13.92 6.24
N LEU A 206 4.65 -13.99 7.03
CA LEU A 206 3.43 -13.19 6.77
C LEU A 206 3.63 -11.86 7.50
N LEU A 207 3.55 -10.76 6.75
CA LEU A 207 3.96 -9.44 7.23
C LEU A 207 2.91 -8.41 6.89
N TRP A 208 2.85 -7.37 7.70
CA TRP A 208 1.87 -6.30 7.49
C TRP A 208 2.33 -5.30 6.43
N HIS A 209 1.35 -4.77 5.68
CA HIS A 209 1.57 -3.63 4.82
C HIS A 209 0.34 -2.71 4.92
N GLY A 210 0.53 -1.54 5.51
CA GLY A 210 -0.56 -0.55 5.65
C GLY A 210 -0.48 0.49 4.58
N THR A 211 -1.62 1.03 4.09
CA THR A 211 -1.59 2.04 3.08
C THR A 211 -2.80 3.01 3.15
N ASN A 212 -2.79 4.05 2.32
CA ASN A 212 -3.93 4.91 2.06
C ASN A 212 -5.08 4.04 1.52
N MET A 213 -6.30 4.29 1.96
CA MET A 213 -7.42 3.74 1.30
C MET A 213 -7.43 3.96 -0.22
N ALA A 214 -6.86 5.06 -0.69
CA ALA A 214 -6.89 5.43 -2.13
C ALA A 214 -6.04 4.55 -2.99
N VAL A 215 -5.20 3.70 -2.41
CA VAL A 215 -4.36 2.85 -3.24
C VAL A 215 -4.74 1.37 -3.15
N VAL A 216 -5.77 1.06 -2.35
CA VAL A 216 -6.21 -0.32 -2.17
C VAL A 216 -6.66 -0.93 -3.53
N ALA A 217 -7.44 -0.19 -4.32
CA ALA A 217 -7.87 -0.74 -5.60
C ALA A 217 -6.68 -1.08 -6.50
N ALA A 218 -5.72 -0.16 -6.60
CA ALA A 218 -4.52 -0.37 -7.39
C ALA A 218 -3.76 -1.60 -6.91
N ILE A 219 -3.59 -1.75 -5.59
CA ILE A 219 -2.85 -2.89 -5.07
C ILE A 219 -3.59 -4.18 -5.40
N LEU A 220 -4.91 -4.18 -5.26
CA LEU A 220 -5.66 -5.39 -5.55
C LEU A 220 -5.58 -5.79 -7.01
N THR A 221 -5.44 -4.78 -7.87
CA THR A 221 -5.37 -5.00 -9.29
C THR A 221 -3.96 -5.43 -9.76
N SER A 222 -2.95 -4.88 -9.13
CA SER A 222 -1.59 -4.90 -9.67
C SER A 222 -0.54 -5.46 -8.72
N GLY A 223 -0.93 -5.73 -7.46
CA GLY A 223 0.00 -6.22 -6.44
C GLY A 223 0.79 -5.10 -5.82
N LEU A 224 1.65 -5.42 -4.85
CA LEU A 224 2.56 -4.44 -4.27
C LEU A 224 3.70 -4.22 -5.28
N ARG A 225 4.00 -2.96 -5.50
CA ARG A 225 4.94 -2.57 -6.54
C ARG A 225 6.09 -1.72 -6.01
N ILE A 226 7.19 -1.77 -6.76
CA ILE A 226 8.31 -0.86 -6.62
C ILE A 226 8.29 0.07 -7.82
N MET A 227 8.21 1.37 -7.61
CA MET A 227 8.22 2.35 -8.72
C MET A 227 9.51 3.11 -8.78
N PRO A 228 9.81 3.71 -9.96
CA PRO A 228 11.08 4.43 -10.10
C PRO A 228 11.41 5.45 -9.01
N HIS A 229 10.37 6.13 -8.51
CA HIS A 229 10.53 7.15 -7.47
C HIS A 229 10.15 6.69 -6.05
N SER A 230 9.91 5.40 -5.84
CA SER A 230 9.72 4.83 -4.49
C SER A 230 11.00 5.09 -3.66
N GLY A 231 10.83 5.38 -2.38
CA GLY A 231 11.98 5.59 -1.50
C GLY A 231 11.56 5.48 -0.07
N GLY A 232 12.52 5.63 0.84
CA GLY A 232 12.24 5.53 2.27
C GLY A 232 13.55 5.26 2.98
N ARG A 233 13.44 4.94 4.26
CA ARG A 233 14.62 4.81 5.09
C ARG A 233 15.51 3.62 4.73
N VAL A 234 15.00 2.70 3.91
CA VAL A 234 15.73 1.50 3.52
C VAL A 234 15.76 1.35 1.99
N GLY A 235 15.59 2.47 1.28
CA GLY A 235 15.76 2.50 -0.14
C GLY A 235 14.51 2.16 -0.94
N LYS A 236 14.76 1.77 -2.18
CA LYS A 236 13.74 1.57 -3.24
C LYS A 236 13.27 0.12 -3.25
N GLY A 237 12.38 -0.21 -2.30
CA GLY A 237 11.77 -1.52 -2.25
C GLY A 237 10.33 -1.52 -1.81
N ILE A 238 9.84 -2.70 -1.42
CA ILE A 238 8.51 -2.85 -0.84
C ILE A 238 8.74 -3.03 0.68
N TYR A 239 8.05 -2.22 1.45
CA TYR A 239 8.20 -2.12 2.90
C TYR A 239 7.12 -2.90 3.60
N PHE A 240 7.53 -3.72 4.57
CA PHE A 240 6.61 -4.40 5.43
C PHE A 240 7.02 -4.30 6.89
N ALA A 241 6.10 -4.61 7.78
CA ALA A 241 6.41 -4.66 9.22
C ALA A 241 5.92 -5.95 9.85
N SER A 242 6.65 -6.44 10.87
CA SER A 242 6.18 -7.55 11.69
C SER A 242 5.28 -7.04 12.83
N GLU A 243 5.36 -5.74 13.12
CA GLU A 243 4.50 -5.16 14.17
C GLU A 243 3.38 -4.40 13.52
N ASN A 244 2.16 -4.84 13.76
CA ASN A 244 1.01 -4.19 13.20
C ASN A 244 0.98 -2.68 13.49
N SER A 245 1.38 -2.29 14.70
CA SER A 245 1.41 -0.88 15.06
C SER A 245 2.30 -0.02 14.16
N LYS A 246 3.39 -0.59 13.62
CA LYS A 246 4.23 0.15 12.67
C LYS A 246 3.49 0.39 11.34
N SER A 247 2.90 -0.67 10.78
CA SER A 247 2.14 -0.55 9.55
C SER A 247 0.89 0.31 9.71
N ALA A 248 0.28 0.23 10.90
CA ALA A 248 -0.97 0.96 11.14
C ALA A 248 -0.77 2.48 11.02
N GLY A 249 0.47 2.94 11.30
CA GLY A 249 0.86 4.35 11.11
C GLY A 249 0.68 4.90 9.69
N TYR A 250 0.66 3.98 8.72
CA TYR A 250 0.56 4.34 7.31
C TYR A 250 -0.84 4.17 6.80
N VAL A 251 -1.74 3.73 7.68
CA VAL A 251 -3.10 3.50 7.27
C VAL A 251 -3.79 4.81 7.31
N ILE A 252 -4.24 5.21 6.12
CA ILE A 252 -5.09 6.36 6.04
C ILE A 252 -6.52 5.85 5.87
N GLY A 253 -7.29 6.10 6.91
CA GLY A 253 -8.67 5.69 6.97
C GLY A 253 -9.55 6.89 6.70
N MET A 254 -10.84 6.65 6.79
CA MET A 254 -11.85 7.64 6.43
C MET A 254 -12.98 7.52 7.42
N LYS A 255 -13.50 8.65 7.84
CA LYS A 255 -14.69 8.70 8.71
C LYS A 255 -15.89 8.26 7.93
N CYS A 256 -16.58 7.25 8.43
CA CYS A 256 -17.82 6.77 7.87
C CYS A 256 -18.75 6.65 9.06
N GLY A 257 -19.83 7.43 9.08
CA GLY A 257 -20.72 7.41 10.24
C GLY A 257 -19.94 7.84 11.45
N ALA A 258 -20.06 7.09 12.55
CA ALA A 258 -19.35 7.43 13.79
C ALA A 258 -18.00 6.74 13.94
N HIS A 259 -17.49 6.09 12.91
CA HIS A 259 -16.22 5.40 13.06
C HIS A 259 -15.24 5.74 11.95
N HIS A 260 -14.01 5.26 12.13
CA HIS A 260 -12.92 5.57 11.25
C HIS A 260 -12.54 4.23 10.62
N VAL A 261 -12.74 4.09 9.31
CA VAL A 261 -12.55 2.79 8.61
C VAL A 261 -11.21 2.77 7.93
N GLY A 262 -10.44 1.70 8.13
CA GLY A 262 -9.18 1.55 7.40
C GLY A 262 -8.93 0.10 6.96
N TYR A 263 -7.99 -0.03 6.05
CA TYR A 263 -7.64 -1.34 5.41
C TYR A 263 -6.16 -1.62 5.51
N MET A 264 -5.80 -2.88 5.78
CA MET A 264 -4.39 -3.28 5.97
C MET A 264 -4.22 -4.60 5.29
N PHE A 265 -3.07 -4.80 4.65
CA PHE A 265 -2.80 -6.08 4.04
C PHE A 265 -1.88 -6.95 4.87
N LEU A 266 -1.99 -8.24 4.61
CA LEU A 266 -0.98 -9.21 5.00
C LEU A 266 -0.40 -9.83 3.74
N GLY A 267 0.91 -9.74 3.56
CA GLY A 267 1.59 -10.38 2.42
C GLY A 267 2.44 -11.54 2.87
N GLU A 268 2.53 -12.58 2.04
CA GLU A 268 3.52 -13.63 2.28
C GLU A 268 4.78 -13.19 1.57
N VAL A 269 5.88 -13.06 2.34
CA VAL A 269 7.12 -12.50 1.81
C VAL A 269 8.21 -13.56 1.89
N ALA A 270 8.79 -13.91 0.75
CA ALA A 270 9.89 -14.88 0.70
C ALA A 270 11.17 -14.11 0.95
N LEU A 271 11.59 -14.12 2.20
CA LEU A 271 12.70 -13.26 2.64
C LEU A 271 14.06 -13.90 2.35
N GLY A 272 14.07 -15.24 2.32
CA GLY A 272 15.31 -16.02 2.06
C GLY A 272 16.42 -15.62 3.02
N ARG A 273 17.62 -15.42 2.50
CA ARG A 273 18.75 -15.02 3.34
C ARG A 273 18.71 -13.50 3.66
N GLU A 274 18.55 -13.22 4.94
CA GLU A 274 18.35 -11.84 5.44
C GLU A 274 19.65 -11.11 5.72
N HIS A 275 19.74 -9.87 5.24
CA HIS A 275 20.79 -8.94 5.60
C HIS A 275 20.19 -7.93 6.60
N HIS A 276 20.75 -7.90 7.81
CA HIS A 276 20.25 -7.01 8.84
C HIS A 276 21.03 -5.73 8.91
N ILE A 277 20.32 -4.62 9.00
CA ILE A 277 20.96 -3.33 9.21
C ILE A 277 20.42 -2.65 10.47
N ASN A 278 21.21 -1.70 11.02
CA ASN A 278 20.78 -0.96 12.22
C ASN A 278 20.87 0.57 12.07
N THR A 279 21.06 1.05 10.84
CA THR A 279 21.12 2.47 10.53
C THR A 279 20.45 2.67 9.20
N ASP A 280 19.81 3.82 9.02
CA ASP A 280 19.05 4.12 7.81
C ASP A 280 19.99 4.08 6.57
N ASN A 281 19.46 3.62 5.46
CA ASN A 281 20.17 3.72 4.18
C ASN A 281 19.23 3.94 3.03
N PRO A 282 18.87 5.20 2.76
CA PRO A 282 17.90 5.47 1.71
C PRO A 282 18.36 5.20 0.29
N SER A 283 19.66 4.96 0.12
CA SER A 283 20.24 4.67 -1.19
C SER A 283 20.12 3.20 -1.66
N LEU A 284 19.58 2.30 -0.84
CA LEU A 284 19.57 0.88 -1.20
C LEU A 284 18.64 0.60 -2.35
N LYS A 285 19.09 -0.20 -3.30
CA LYS A 285 18.25 -0.66 -4.42
C LYS A 285 18.15 -2.16 -4.52
N SER A 286 18.96 -2.87 -3.72
CA SER A 286 18.93 -4.34 -3.64
C SER A 286 19.62 -4.75 -2.35
N PRO A 287 19.42 -5.99 -1.90
CA PRO A 287 20.24 -6.52 -0.82
C PRO A 287 21.67 -6.70 -1.31
N PRO A 288 22.63 -6.82 -0.38
CA PRO A 288 23.99 -7.17 -0.87
C PRO A 288 24.05 -8.56 -1.52
N PRO A 289 25.16 -8.89 -2.24
CA PRO A 289 25.17 -10.13 -2.95
C PRO A 289 25.06 -11.35 -2.06
N GLY A 290 24.19 -12.23 -2.48
CA GLY A 290 23.90 -13.43 -1.74
C GLY A 290 22.89 -13.27 -0.65
N PHE A 291 22.28 -12.10 -0.57
CA PHE A 291 21.13 -11.90 0.28
C PHE A 291 19.88 -11.62 -0.52
N ASP A 292 18.74 -12.03 0.03
CA ASP A 292 17.45 -11.92 -0.67
C ASP A 292 16.56 -10.83 -0.07
N SER A 293 16.92 -10.30 1.11
CA SER A 293 16.11 -9.27 1.72
C SER A 293 17.00 -8.43 2.62
N VAL A 294 16.49 -7.26 3.02
CA VAL A 294 17.16 -6.39 3.97
C VAL A 294 16.17 -6.09 5.08
N ILE A 295 16.59 -6.35 6.32
CA ILE A 295 15.72 -6.09 7.46
C ILE A 295 16.40 -5.01 8.28
N ALA A 296 15.74 -3.86 8.36
CA ALA A 296 16.14 -2.80 9.26
C ALA A 296 15.58 -3.18 10.61
N ARG A 297 16.46 -3.67 11.48
CA ARG A 297 16.04 -4.28 12.72
C ARG A 297 15.70 -3.27 13.81
N GLY A 298 14.54 -3.46 14.41
CA GLY A 298 14.07 -2.60 15.47
C GLY A 298 14.57 -2.93 16.86
N HIS A 299 14.40 -2.00 17.77
CA HIS A 299 14.64 -2.25 19.22
C HIS A 299 13.84 -3.41 19.76
N THR A 300 12.66 -3.64 19.14
CA THR A 300 11.79 -4.73 19.49
C THR A 300 11.46 -5.62 18.29
N GLU A 301 10.92 -6.79 18.59
CA GLU A 301 10.44 -7.74 17.61
C GLU A 301 9.39 -8.59 18.29
N PRO A 302 8.29 -8.94 17.58
CA PRO A 302 7.39 -9.90 18.19
C PRO A 302 8.14 -11.14 18.68
N ASP A 303 7.92 -11.48 19.95
CA ASP A 303 8.67 -12.56 20.62
C ASP A 303 8.75 -13.79 19.73
N PRO A 304 9.94 -14.08 19.17
CA PRO A 304 10.06 -15.18 18.20
C PRO A 304 9.66 -16.57 18.75
N THR A 305 9.78 -16.73 20.07
CA THR A 305 9.40 -17.97 20.70
C THR A 305 7.92 -18.26 20.57
N GLN A 306 7.12 -17.24 20.21
CA GLN A 306 5.68 -17.42 20.01
C GLN A 306 5.23 -17.53 18.54
N ASP A 307 6.19 -17.57 17.61
CA ASP A 307 5.87 -17.67 16.17
C ASP A 307 5.08 -18.93 15.96
N THR A 308 4.09 -18.87 15.07
CA THR A 308 3.46 -20.06 14.57
C THR A 308 3.69 -20.13 13.06
N GLU A 309 3.07 -21.11 12.41
CA GLU A 309 3.12 -21.24 10.95
C GLU A 309 1.74 -21.46 10.37
N LEU A 310 1.53 -20.93 9.17
CA LEU A 310 0.37 -21.29 8.38
C LEU A 310 0.90 -21.97 7.13
N GLU A 311 0.13 -22.94 6.62
CA GLU A 311 0.43 -23.56 5.35
C GLU A 311 -0.33 -22.92 4.21
N LEU A 312 0.40 -22.23 3.34
CA LEU A 312 -0.21 -21.48 2.23
C LEU A 312 0.37 -22.08 0.94
N ASP A 313 -0.50 -22.62 0.11
CA ASP A 313 -0.12 -23.25 -1.16
C ASP A 313 0.98 -24.29 -0.95
N GLY A 314 0.82 -25.07 0.10
CA GLY A 314 1.78 -26.08 0.48
C GLY A 314 3.12 -25.66 1.07
N GLN A 315 3.32 -24.36 1.36
CA GLN A 315 4.58 -23.88 1.95
C GLN A 315 4.26 -23.42 3.38
N GLN A 316 5.23 -23.58 4.27
CA GLN A 316 5.13 -23.12 5.64
C GLN A 316 5.50 -21.63 5.66
N VAL A 317 4.66 -20.85 6.31
CA VAL A 317 4.82 -19.41 6.34
C VAL A 317 4.78 -19.01 7.78
N VAL A 318 5.83 -18.34 8.25
CA VAL A 318 5.85 -17.93 9.64
C VAL A 318 4.88 -16.78 9.90
N VAL A 319 4.17 -16.89 11.00
CA VAL A 319 3.30 -15.83 11.44
C VAL A 319 3.61 -15.52 12.89
N PRO A 320 4.11 -14.33 13.16
CA PRO A 320 4.31 -13.97 14.56
C PRO A 320 3.01 -13.95 15.35
N GLN A 321 3.11 -14.33 16.64
CA GLN A 321 1.96 -14.33 17.54
C GLN A 321 2.28 -13.66 18.88
N GLY A 322 3.52 -13.20 19.05
CA GLY A 322 3.98 -12.66 20.34
C GLY A 322 3.96 -11.16 20.43
N GLN A 323 3.83 -10.66 21.67
CA GLN A 323 4.05 -9.25 21.91
C GLN A 323 5.50 -8.88 21.63
N PRO A 324 5.73 -7.62 21.33
CA PRO A 324 7.07 -7.23 21.02
C PRO A 324 7.94 -7.34 22.25
N VAL A 325 9.12 -7.88 22.07
CA VAL A 325 10.10 -7.91 23.13
C VAL A 325 11.39 -7.20 22.69
N PRO A 326 12.22 -6.77 23.65
CA PRO A 326 13.46 -6.13 23.28
C PRO A 326 14.47 -7.10 22.68
N CYS A 327 15.20 -6.63 21.69
CA CYS A 327 16.26 -7.38 21.10
C CYS A 327 17.55 -6.67 21.44
N PRO A 328 18.28 -7.18 22.43
CA PRO A 328 19.43 -6.43 22.93
C PRO A 328 20.48 -6.16 21.88
N GLU A 329 20.63 -7.00 20.87
CA GLU A 329 21.63 -6.75 19.83
C GLU A 329 21.33 -5.50 19.00
N PHE A 330 20.07 -5.05 19.03
CA PHE A 330 19.64 -3.93 18.22
C PHE A 330 19.10 -2.79 19.09
N SER A 331 19.52 -2.75 20.34
CA SER A 331 19.04 -1.72 21.24
C SER A 331 19.49 -0.32 20.85
N SER A 332 20.58 -0.21 20.10
CA SER A 332 21.04 1.09 19.62
C SER A 332 20.66 1.37 18.13
N SER A 333 19.79 0.53 17.56
CA SER A 333 19.38 0.72 16.18
C SER A 333 18.70 2.07 15.98
N THR A 334 18.84 2.63 14.79
CA THR A 334 18.07 3.83 14.42
C THR A 334 16.56 3.54 14.23
N PHE A 335 16.18 2.28 14.20
CA PHE A 335 14.80 1.88 13.97
C PHE A 335 14.20 1.42 15.26
N SER A 336 13.07 2.00 15.69
CA SER A 336 12.35 1.54 16.90
C SER A 336 11.70 0.18 16.63
N GLN A 337 11.16 0.04 15.41
CA GLN A 337 10.46 -1.18 14.97
C GLN A 337 11.05 -1.62 13.63
N SER A 338 11.03 -2.90 13.38
CA SER A 338 11.65 -3.42 12.18
C SER A 338 10.89 -3.03 10.91
N GLU A 339 11.65 -2.80 9.84
CA GLU A 339 11.15 -2.66 8.48
C GLU A 339 11.78 -3.76 7.64
N TYR A 340 10.91 -4.55 7.01
CA TYR A 340 11.27 -5.70 6.20
C TYR A 340 11.19 -5.29 4.72
N LEU A 341 12.31 -5.39 4.00
CA LEU A 341 12.42 -4.95 2.64
C LEU A 341 12.74 -6.09 1.66
N ILE A 342 11.98 -6.10 0.57
CA ILE A 342 12.35 -6.85 -0.59
C ILE A 342 12.50 -5.88 -1.75
N TYR A 343 13.27 -6.29 -2.75
CA TYR A 343 13.59 -5.38 -3.86
C TYR A 343 13.19 -6.02 -5.22
N GLN A 344 12.40 -7.09 -5.16
CA GLN A 344 11.76 -7.68 -6.35
C GLN A 344 10.27 -7.89 -6.03
N GLU A 345 9.40 -7.40 -6.88
CA GLU A 345 7.95 -7.54 -6.65
C GLU A 345 7.52 -8.99 -6.54
N SER A 346 8.23 -9.90 -7.23
CA SER A 346 7.94 -11.33 -7.20
C SER A 346 8.13 -12.00 -5.85
N GLN A 347 8.86 -11.39 -4.93
CA GLN A 347 9.04 -11.99 -3.59
C GLN A 347 7.87 -11.84 -2.61
N CYS A 348 6.78 -11.17 -2.99
CA CYS A 348 5.61 -10.96 -2.13
C CYS A 348 4.38 -11.50 -2.90
N ARG A 349 3.47 -12.18 -2.21
CA ARG A 349 2.12 -12.48 -2.75
C ARG A 349 1.14 -11.89 -1.75
N LEU A 350 0.14 -11.13 -2.17
CA LEU A 350 -0.91 -10.73 -1.24
C LEU A 350 -1.68 -11.95 -0.74
N ARG A 351 -2.00 -12.02 0.54
CA ARG A 351 -2.72 -13.17 1.12
C ARG A 351 -4.03 -12.78 1.82
N TYR A 352 -4.00 -11.68 2.55
CA TYR A 352 -5.20 -11.21 3.29
C TYR A 352 -5.35 -9.69 3.24
N LEU A 353 -6.61 -9.26 3.30
CA LEU A 353 -6.97 -7.86 3.47
C LEU A 353 -7.88 -7.75 4.70
N LEU A 354 -7.56 -6.82 5.60
CA LEU A 354 -8.33 -6.62 6.84
C LEU A 354 -8.99 -5.25 6.82
N GLU A 355 -10.25 -5.21 7.22
CA GLU A 355 -10.92 -3.95 7.55
C GLU A 355 -10.82 -3.80 9.08
N VAL A 356 -10.36 -2.65 9.54
CA VAL A 356 -10.16 -2.34 10.94
C VAL A 356 -10.82 -0.98 11.24
N HIS A 357 -11.41 -0.84 12.42
CA HIS A 357 -11.99 0.44 12.85
C HIS A 357 -11.20 0.87 14.10
#